data_2RA2
#
_entry.id   2RA2
#
_cell.length_a   68.292
_cell.length_b   110.426
_cell.length_c   109.020
_cell.angle_alpha   90.00
_cell.angle_beta   90.00
_cell.angle_gamma   90.00
#
_symmetry.space_group_name_H-M   'C 2 2 21'
#
loop_
_entity.id
_entity.type
_entity.pdbx_description
1 polymer 'Putative lipoprotein'
2 water water
#
_entity_poly.entity_id   1
_entity_poly.type   'polypeptide(L)'
_entity_poly.pdbx_seq_one_letter_code
;(MSE)SGPNYV(MSE)HTNDGRSIVTDGKPQTDNDTG(MSE)ISYKDANGNKQQINRTDVKE(MSE)VALENLEHHHHHH
;
_entity_poly.pdbx_strand_id   A,B,C,D,E,F
#
# COMPACT_ATOMS: atom_id res chain seq x y z
N PRO A 4 11.34 -10.82 12.46
CA PRO A 4 10.02 -10.49 11.86
C PRO A 4 9.11 -11.71 11.93
N ASN A 5 9.21 -12.46 13.02
CA ASN A 5 8.39 -13.65 13.20
C ASN A 5 7.01 -13.27 13.72
N TYR A 6 6.05 -14.17 13.50
CA TYR A 6 4.68 -13.93 13.92
C TYR A 6 4.00 -15.17 14.45
N VAL A 7 2.90 -14.95 15.14
CA VAL A 7 2.07 -16.03 15.65
C VAL A 7 0.73 -15.76 15.00
N MSE A 8 0.35 -16.61 14.05
CA MSE A 8 -0.92 -16.44 13.36
C MSE A 8 -2.04 -17.10 14.16
O MSE A 8 -1.92 -18.24 14.57
CB MSE A 8 -0.86 -17.08 11.97
CG MSE A 8 0.25 -16.58 11.06
SE MSE A 8 0.08 -17.22 9.23
CE MSE A 8 0.40 -19.11 9.55
N HIS A 9 -3.11 -16.35 14.39
CA HIS A 9 -4.26 -16.87 15.12
C HIS A 9 -5.28 -17.25 14.04
N THR A 10 -5.55 -18.53 13.90
CA THR A 10 -6.50 -19.00 12.88
C THR A 10 -7.93 -18.93 13.40
N ASN A 11 -8.88 -19.17 12.50
CA ASN A 11 -10.28 -19.15 12.88
C ASN A 11 -10.73 -20.54 13.35
N ASP A 12 -9.82 -21.51 13.29
CA ASP A 12 -10.16 -22.86 13.75
C ASP A 12 -9.43 -23.16 15.05
N GLY A 13 -9.19 -22.10 15.84
CA GLY A 13 -8.55 -22.25 17.13
C GLY A 13 -7.09 -22.67 17.18
N ARG A 14 -6.27 -22.18 16.24
CA ARG A 14 -4.85 -22.52 16.23
C ARG A 14 -3.94 -21.30 16.34
N SER A 15 -2.74 -21.53 16.84
CA SER A 15 -1.72 -20.48 16.95
C SER A 15 -0.50 -21.04 16.24
N ILE A 16 -0.23 -20.51 15.05
CA ILE A 16 0.90 -20.97 14.25
C ILE A 16 2.06 -19.99 14.23
N VAL A 17 3.22 -20.44 14.71
CA VAL A 17 4.42 -19.61 14.73
C VAL A 17 5.04 -19.63 13.34
N THR A 18 5.51 -18.48 12.87
CA THR A 18 6.11 -18.41 11.54
C THR A 18 7.56 -17.97 11.59
N ASP A 19 8.32 -18.33 10.57
CA ASP A 19 9.73 -17.96 10.45
C ASP A 19 9.81 -16.92 9.35
N GLY A 20 9.82 -15.65 9.75
CA GLY A 20 9.87 -14.58 8.78
C GLY A 20 8.43 -14.12 8.55
N LYS A 21 8.26 -13.08 7.74
CA LYS A 21 6.93 -12.56 7.48
C LYS A 21 6.21 -13.32 6.37
N PRO A 22 4.99 -13.81 6.64
CA PRO A 22 4.29 -14.53 5.57
C PRO A 22 3.85 -13.58 4.46
N GLN A 23 3.42 -14.13 3.34
CA GLN A 23 2.93 -13.30 2.26
C GLN A 23 2.06 -14.07 1.29
N THR A 24 1.27 -13.33 0.53
CA THR A 24 0.38 -13.94 -0.44
C THR A 24 1.17 -14.67 -1.51
N ASP A 25 0.79 -15.91 -1.77
CA ASP A 25 1.45 -16.71 -2.79
C ASP A 25 1.07 -16.14 -4.16
N ASN A 26 2.09 -15.83 -4.98
CA ASN A 26 1.89 -15.27 -6.31
C ASN A 26 1.04 -16.15 -7.24
N ASP A 27 1.07 -17.45 -7.02
CA ASP A 27 0.33 -18.38 -7.88
C ASP A 27 -1.08 -18.73 -7.41
N THR A 28 -1.25 -18.96 -6.12
CA THR A 28 -2.55 -19.38 -5.58
C THR A 28 -3.42 -18.34 -4.90
N GLY A 29 -2.80 -17.28 -4.39
CA GLY A 29 -3.57 -16.27 -3.70
C GLY A 29 -3.72 -16.68 -2.23
N MSE A 30 -3.14 -17.82 -1.87
CA MSE A 30 -3.20 -18.29 -0.48
C MSE A 30 -2.11 -17.56 0.27
O MSE A 30 -1.26 -16.87 -0.32
CB MSE A 30 -2.92 -19.79 -0.41
CG MSE A 30 -3.88 -20.66 -1.20
SE MSE A 30 -5.46 -21.17 -0.20
CE MSE A 30 -6.37 -19.45 -0.18
N ILE A 31 -2.12 -17.69 1.59
CA ILE A 31 -1.07 -17.07 2.39
C ILE A 31 0.05 -18.09 2.51
N SER A 32 1.24 -17.72 2.07
CA SER A 32 2.39 -18.60 2.15
C SER A 32 3.21 -18.22 3.38
N TYR A 33 3.69 -19.22 4.11
CA TYR A 33 4.51 -18.98 5.29
C TYR A 33 5.50 -20.11 5.53
N LYS A 34 6.48 -19.86 6.40
CA LYS A 34 7.49 -20.86 6.75
C LYS A 34 7.24 -21.30 8.18
N ASP A 35 7.06 -22.60 8.39
CA ASP A 35 6.81 -23.13 9.73
C ASP A 35 8.06 -23.15 10.60
N ALA A 36 7.89 -23.54 11.86
CA ALA A 36 8.98 -23.59 12.82
C ALA A 36 10.11 -24.54 12.42
N ASN A 37 9.98 -25.18 11.26
CA ASN A 37 10.99 -26.10 10.77
C ASN A 37 11.62 -25.60 9.48
N GLY A 38 11.16 -24.43 9.04
CA GLY A 38 11.69 -23.85 7.82
C GLY A 38 11.03 -24.37 6.56
N ASN A 39 9.92 -25.08 6.71
CA ASN A 39 9.19 -25.64 5.58
C ASN A 39 8.06 -24.73 5.13
N LYS A 40 7.97 -24.51 3.83
CA LYS A 40 6.93 -23.66 3.25
C LYS A 40 5.57 -24.31 3.40
N GLN A 41 4.57 -23.50 3.72
CA GLN A 41 3.19 -23.97 3.89
C GLN A 41 2.25 -22.93 3.33
N GLN A 42 1.02 -23.33 3.03
CA GLN A 42 0.02 -22.38 2.54
C GLN A 42 -1.28 -22.52 3.32
N ILE A 43 -1.85 -21.39 3.69
CA ILE A 43 -3.10 -21.35 4.43
C ILE A 43 -3.98 -20.25 3.82
N ASN A 44 -5.28 -20.50 3.77
CA ASN A 44 -6.24 -19.54 3.21
C ASN A 44 -6.31 -18.31 4.10
N ARG A 45 -6.21 -17.12 3.52
CA ARG A 45 -6.29 -15.89 4.30
C ARG A 45 -7.58 -15.86 5.13
N THR A 46 -8.63 -16.45 4.58
CA THR A 46 -9.92 -16.47 5.29
C THR A 46 -9.82 -17.15 6.65
N ASP A 47 -8.89 -18.09 6.77
CA ASP A 47 -8.72 -18.82 8.02
C ASP A 47 -7.75 -18.14 8.99
N VAL A 48 -7.24 -16.98 8.60
CA VAL A 48 -6.30 -16.23 9.45
C VAL A 48 -6.96 -14.98 10.01
N LYS A 49 -7.29 -15.02 11.30
CA LYS A 49 -7.92 -13.87 11.94
C LYS A 49 -6.93 -12.72 12.14
N GLU A 50 -5.74 -13.05 12.63
CA GLU A 50 -4.73 -12.03 12.87
C GLU A 50 -3.33 -12.60 12.98
N MSE A 51 -2.35 -11.71 12.98
CA MSE A 51 -0.95 -12.09 13.10
C MSE A 51 -0.33 -11.17 14.14
O MSE A 51 -0.32 -9.95 13.96
CB MSE A 51 -0.24 -11.95 11.76
CG MSE A 51 -0.72 -12.93 10.70
SE MSE A 51 0.36 -12.80 9.10
CE MSE A 51 -0.98 -13.20 7.78
N VAL A 52 0.18 -11.76 15.22
CA VAL A 52 0.81 -10.98 16.28
C VAL A 52 2.32 -11.00 16.11
N ALA A 53 2.93 -9.81 16.11
CA ALA A 53 4.36 -9.71 15.95
C ALA A 53 5.13 -10.21 17.16
N LEU A 54 6.18 -10.99 16.89
CA LEU A 54 7.03 -11.53 17.95
C LEU A 54 8.31 -10.71 17.95
N GLU A 55 8.74 -10.28 19.14
CA GLU A 55 9.94 -9.48 19.25
C GLU A 55 11.17 -10.30 18.87
N ASN A 56 12.12 -9.65 18.20
CA ASN A 56 13.35 -10.31 17.79
C ASN A 56 14.26 -10.50 19.01
N LEU A 57 14.30 -11.72 19.52
CA LEU A 57 15.13 -12.02 20.69
C LEU A 57 16.44 -12.68 20.28
N GLU A 58 16.63 -12.86 18.97
CA GLU A 58 17.83 -13.49 18.43
C GLU A 58 18.05 -14.90 18.96
N MSE B 1 -20.61 20.76 2.62
CA MSE B 1 -21.88 20.00 2.47
C MSE B 1 -22.15 19.64 1.00
O MSE B 1 -22.90 18.72 0.71
CB MSE B 1 -23.05 20.83 3.04
CG MSE B 1 -23.19 22.24 2.46
SE MSE B 1 -24.16 22.32 0.79
CE MSE B 1 -25.94 22.64 1.50
N SER B 2 -21.50 20.37 0.10
CA SER B 2 -21.63 20.19 -1.34
C SER B 2 -22.08 18.81 -1.85
N GLY B 3 -21.23 17.80 -1.68
CA GLY B 3 -21.54 16.45 -2.15
C GLY B 3 -22.98 15.95 -2.03
N PRO B 4 -23.47 15.21 -3.05
CA PRO B 4 -24.83 14.67 -3.06
C PRO B 4 -24.95 13.59 -1.97
N ASN B 5 -26.08 13.55 -1.29
CA ASN B 5 -26.26 12.58 -0.21
C ASN B 5 -26.74 11.21 -0.66
N TYR B 6 -26.32 10.18 0.07
CA TYR B 6 -26.70 8.80 -0.19
C TYR B 6 -27.17 8.17 1.11
N VAL B 7 -27.93 7.08 0.98
CA VAL B 7 -28.40 6.35 2.13
C VAL B 7 -27.83 4.95 1.98
N MSE B 8 -27.12 4.48 3.01
CA MSE B 8 -26.55 3.13 2.98
C MSE B 8 -27.35 2.23 3.90
O MSE B 8 -27.57 2.57 5.06
CB MSE B 8 -25.08 3.14 3.44
CG MSE B 8 -24.14 3.95 2.57
SE MSE B 8 -22.28 3.65 3.11
CE MSE B 8 -22.35 4.57 4.81
N HIS B 9 -27.78 1.08 3.39
CA HIS B 9 -28.53 0.14 4.21
C HIS B 9 -27.59 -1.00 4.58
N THR B 10 -27.34 -1.15 5.88
CA THR B 10 -26.42 -2.17 6.36
C THR B 10 -27.06 -3.52 6.66
N ASN B 11 -26.21 -4.50 6.95
CA ASN B 11 -26.67 -5.84 7.27
C ASN B 11 -26.92 -5.95 8.76
N ASP B 12 -26.71 -4.86 9.50
CA ASP B 12 -26.95 -4.90 10.93
C ASP B 12 -28.11 -4.00 11.34
N GLY B 13 -29.06 -3.85 10.42
CA GLY B 13 -30.25 -3.05 10.68
C GLY B 13 -30.06 -1.56 10.81
N ARG B 14 -29.28 -0.96 9.91
CA ARG B 14 -29.05 0.47 9.95
C ARG B 14 -29.20 1.15 8.60
N SER B 15 -29.60 2.42 8.63
CA SER B 15 -29.74 3.24 7.44
C SER B 15 -28.85 4.43 7.74
N ILE B 16 -27.71 4.51 7.06
CA ILE B 16 -26.76 5.58 7.28
C ILE B 16 -26.77 6.61 6.16
N VAL B 17 -26.96 7.88 6.52
CA VAL B 17 -26.97 8.96 5.54
C VAL B 17 -25.57 9.50 5.40
N THR B 18 -25.12 9.69 4.16
CA THR B 18 -23.78 10.20 3.94
C THR B 18 -23.78 11.54 3.25
N ASP B 19 -22.68 12.27 3.43
CA ASP B 19 -22.48 13.59 2.83
C ASP B 19 -21.55 13.32 1.65
N GLY B 20 -22.11 13.19 0.46
CA GLY B 20 -21.30 12.91 -0.71
C GLY B 20 -21.32 11.41 -0.97
N LYS B 21 -20.83 11.00 -2.13
CA LYS B 21 -20.81 9.59 -2.48
C LYS B 21 -19.67 8.83 -1.80
N PRO B 22 -20.00 7.75 -1.09
CA PRO B 22 -18.98 6.94 -0.41
C PRO B 22 -18.01 6.36 -1.44
N GLN B 23 -16.83 5.96 -0.99
CA GLN B 23 -15.87 5.37 -1.91
C GLN B 23 -14.94 4.43 -1.17
N THR B 24 -14.38 3.49 -1.91
CA THR B 24 -13.45 2.54 -1.33
C THR B 24 -12.22 3.32 -0.87
N ASP B 25 -11.83 3.11 0.39
CA ASP B 25 -10.66 3.79 0.96
C ASP B 25 -9.38 3.24 0.29
N ASN B 26 -8.59 4.15 -0.25
CA ASN B 26 -7.32 3.80 -0.91
C ASN B 26 -6.34 3.06 -0.01
N ASP B 27 -6.38 3.33 1.28
CA ASP B 27 -5.47 2.69 2.22
C ASP B 27 -5.91 1.35 2.80
N THR B 28 -7.19 1.26 3.18
CA THR B 28 -7.72 0.05 3.82
C THR B 28 -8.62 -0.89 3.04
N GLY B 29 -9.27 -0.39 1.99
CA GLY B 29 -10.16 -1.23 1.23
C GLY B 29 -11.55 -1.22 1.83
N MSE B 30 -11.74 -0.46 2.91
CA MSE B 30 -13.03 -0.34 3.57
C MSE B 30 -13.78 0.75 2.81
O MSE B 30 -13.19 1.46 1.99
CB MSE B 30 -12.86 0.14 5.02
CG MSE B 30 -11.97 -0.71 5.88
SE MSE B 30 -12.96 -2.07 6.81
CE MSE B 30 -11.50 -3.00 7.60
N ILE B 31 -15.07 0.89 3.06
CA ILE B 31 -15.85 1.94 2.42
C ILE B 31 -15.73 3.20 3.26
N SER B 32 -15.13 4.25 2.69
CA SER B 32 -15.01 5.50 3.43
C SER B 32 -16.18 6.42 3.10
N TYR B 33 -16.64 7.19 4.08
CA TYR B 33 -17.74 8.12 3.86
C TYR B 33 -17.75 9.20 4.93
N LYS B 34 -18.56 10.23 4.71
CA LYS B 34 -18.70 11.32 5.67
C LYS B 34 -20.12 11.22 6.19
N ASP B 35 -20.30 11.15 7.51
CA ASP B 35 -21.66 11.05 8.03
C ASP B 35 -22.43 12.35 7.84
N ALA B 36 -23.66 12.37 8.33
CA ALA B 36 -24.52 13.54 8.20
C ALA B 36 -23.93 14.78 8.88
N ASN B 37 -22.87 14.58 9.67
CA ASN B 37 -22.23 15.69 10.39
C ASN B 37 -20.87 16.06 9.81
N GLY B 38 -20.58 15.56 8.61
CA GLY B 38 -19.32 15.86 7.95
C GLY B 38 -18.11 15.12 8.49
N ASN B 39 -18.32 14.19 9.41
CA ASN B 39 -17.21 13.44 9.99
C ASN B 39 -16.87 12.18 9.20
N LYS B 40 -15.58 12.01 8.90
CA LYS B 40 -15.10 10.85 8.15
C LYS B 40 -15.30 9.55 8.92
N GLN B 41 -15.78 8.53 8.22
CA GLN B 41 -16.03 7.23 8.83
C GLN B 41 -15.64 6.13 7.83
N GLN B 42 -15.46 4.92 8.34
CA GLN B 42 -15.15 3.78 7.49
C GLN B 42 -16.00 2.61 7.93
N ILE B 43 -16.57 1.90 6.95
CA ILE B 43 -17.38 0.73 7.24
C ILE B 43 -17.00 -0.36 6.24
N ASN B 44 -16.96 -1.59 6.70
CA ASN B 44 -16.62 -2.71 5.82
C ASN B 44 -17.72 -2.87 4.78
N ARG B 45 -17.34 -3.02 3.51
CA ARG B 45 -18.31 -3.19 2.44
C ARG B 45 -19.21 -4.40 2.72
N THR B 46 -18.66 -5.42 3.35
CA THR B 46 -19.43 -6.62 3.66
C THR B 46 -20.68 -6.28 4.50
N ASP B 47 -20.62 -5.17 5.24
CA ASP B 47 -21.75 -4.76 6.09
C ASP B 47 -22.72 -3.83 5.38
N VAL B 48 -22.47 -3.54 4.11
CA VAL B 48 -23.35 -2.67 3.33
C VAL B 48 -24.10 -3.53 2.32
N LYS B 49 -25.41 -3.67 2.51
CA LYS B 49 -26.19 -4.50 1.59
C LYS B 49 -26.53 -3.73 0.33
N GLU B 50 -26.84 -2.46 0.48
CA GLU B 50 -27.17 -1.63 -0.66
C GLU B 50 -27.15 -0.15 -0.30
N MSE B 51 -27.14 0.70 -1.32
CA MSE B 51 -27.17 2.13 -1.08
C MSE B 51 -27.86 2.81 -2.25
O MSE B 51 -27.96 2.25 -3.34
CB MSE B 51 -25.77 2.70 -0.85
CG MSE B 51 -24.91 2.94 -2.08
SE MSE B 51 -23.27 3.87 -1.55
CE MSE B 51 -22.26 2.35 -0.94
N VAL B 52 -28.36 4.02 -2.02
CA VAL B 52 -29.06 4.76 -3.05
C VAL B 52 -28.81 6.24 -2.87
N ALA B 53 -28.93 6.98 -3.96
CA ALA B 53 -28.72 8.43 -3.96
C ALA B 53 -30.03 9.22 -3.96
N LEU B 54 -29.95 10.46 -4.44
CA LEU B 54 -31.10 11.36 -4.51
C LEU B 54 -30.91 12.35 -5.65
N GLU B 55 -30.02 12.00 -6.58
CA GLU B 55 -29.71 12.84 -7.74
C GLU B 55 -30.95 13.37 -8.45
N ASN B 56 -31.65 12.50 -9.18
CA ASN B 56 -32.85 12.89 -9.90
C ASN B 56 -34.08 12.69 -9.01
N LEU B 57 -33.92 11.88 -7.97
CA LEU B 57 -35.01 11.61 -7.04
C LEU B 57 -34.83 12.36 -5.73
N GLU B 58 -35.81 13.19 -5.40
CA GLU B 58 -35.81 13.99 -4.17
C GLU B 58 -34.71 15.04 -4.09
N HIS B 59 -34.15 15.42 -5.23
CA HIS B 59 -33.10 16.43 -5.30
C HIS B 59 -31.86 16.06 -4.48
N GLY C 3 13.20 1.62 9.47
CA GLY C 3 13.80 0.54 8.66
C GLY C 3 15.14 0.95 8.07
N PRO C 4 15.82 0.05 7.35
CA PRO C 4 17.11 0.40 6.77
C PRO C 4 16.96 1.47 5.69
N ASN C 5 18.08 2.07 5.31
CA ASN C 5 18.06 3.11 4.29
C ASN C 5 18.35 2.52 2.91
N TYR C 6 17.75 3.13 1.89
CA TYR C 6 17.95 2.66 0.52
C TYR C 6 18.41 3.82 -0.35
N VAL C 7 19.01 3.49 -1.49
CA VAL C 7 19.45 4.51 -2.42
C VAL C 7 18.82 4.21 -3.78
N MSE C 8 18.07 5.18 -4.30
CA MSE C 8 17.42 5.03 -5.59
C MSE C 8 18.22 5.78 -6.64
O MSE C 8 18.58 6.95 -6.45
CB MSE C 8 15.99 5.61 -5.56
CG MSE C 8 15.06 5.02 -4.52
SE MSE C 8 13.28 5.81 -4.64
CE MSE C 8 13.70 7.60 -4.00
N HIS C 9 18.52 5.10 -7.74
CA HIS C 9 19.27 5.71 -8.84
C HIS C 9 18.23 6.04 -9.90
N THR C 10 18.06 7.32 -10.19
CA THR C 10 17.08 7.74 -11.17
C THR C 10 17.63 7.70 -12.59
N ASN C 11 16.74 7.86 -13.57
CA ASN C 11 17.14 7.87 -14.95
C ASN C 11 17.86 9.18 -15.25
N ASP C 12 17.47 10.23 -14.53
CA ASP C 12 18.07 11.54 -14.73
C ASP C 12 19.35 11.74 -13.93
N GLY C 13 20.09 10.65 -13.72
CA GLY C 13 21.36 10.69 -13.01
C GLY C 13 21.42 11.21 -11.59
N ARG C 14 20.47 10.81 -10.76
CA ARG C 14 20.48 11.25 -9.36
C ARG C 14 20.58 10.07 -8.41
N SER C 15 21.10 10.31 -7.21
CA SER C 15 21.22 9.28 -6.19
C SER C 15 20.47 9.80 -4.98
N ILE C 16 19.27 9.29 -4.77
CA ILE C 16 18.42 9.70 -3.67
C ILE C 16 18.40 8.65 -2.56
N VAL C 17 18.77 9.06 -1.35
CA VAL C 17 18.77 8.15 -0.21
C VAL C 17 17.40 8.22 0.46
N THR C 18 16.93 7.10 0.98
CA THR C 18 15.62 7.09 1.63
C THR C 18 15.70 6.64 3.09
N ASP C 19 14.83 7.19 3.91
CA ASP C 19 14.74 6.84 5.32
C ASP C 19 13.68 5.74 5.39
N GLY C 20 14.11 4.48 5.23
CA GLY C 20 13.18 3.37 5.26
C GLY C 20 12.93 2.88 3.83
N LYS C 21 12.34 1.70 3.66
CA LYS C 21 12.08 1.17 2.33
C LYS C 21 10.94 1.92 1.64
N PRO C 22 11.15 2.35 0.39
CA PRO C 22 10.10 3.07 -0.33
C PRO C 22 8.93 2.15 -0.62
N GLN C 23 7.77 2.73 -0.96
CA GLN C 23 6.60 1.92 -1.28
C GLN C 23 5.65 2.71 -2.18
N THR C 24 4.91 2.00 -3.01
CA THR C 24 3.97 2.64 -3.91
C THR C 24 2.92 3.39 -3.09
N ASP C 25 2.67 4.65 -3.45
CA ASP C 25 1.70 5.46 -2.73
C ASP C 25 0.29 4.90 -3.01
N ASN C 26 -0.49 4.68 -1.95
CA ASN C 26 -1.84 4.13 -2.11
C ASN C 26 -2.81 5.07 -2.83
N ASP C 27 -2.53 6.36 -2.80
CA ASP C 27 -3.40 7.33 -3.43
C ASP C 27 -3.07 7.64 -4.89
N THR C 28 -1.77 7.82 -5.18
CA THR C 28 -1.33 8.20 -6.52
C THR C 28 -0.70 7.15 -7.42
N GLY C 29 -0.11 6.12 -6.82
CA GLY C 29 0.54 5.10 -7.62
C GLY C 29 2.00 5.49 -7.85
N MSE C 30 2.38 6.66 -7.33
CA MSE C 30 3.75 7.14 -7.44
C MSE C 30 4.54 6.39 -6.39
O MSE C 30 3.96 5.71 -5.53
CB MSE C 30 3.82 8.63 -7.12
CG MSE C 30 3.00 9.53 -8.03
SE MSE C 30 3.95 10.02 -9.64
CE MSE C 30 3.98 8.33 -10.55
N ILE C 31 5.86 6.51 -6.44
CA ILE C 31 6.68 5.86 -5.43
C ILE C 31 6.81 6.84 -4.27
N SER C 32 6.39 6.40 -3.10
CA SER C 32 6.46 7.22 -1.89
C SER C 32 7.67 6.85 -1.05
N TYR C 33 8.41 7.85 -0.59
CA TYR C 33 9.58 7.60 0.25
C TYR C 33 9.82 8.77 1.20
N LYS C 34 10.58 8.52 2.27
CA LYS C 34 10.90 9.56 3.24
C LYS C 34 12.33 10.01 2.99
N ASP C 35 12.55 11.33 3.01
CA ASP C 35 13.90 11.85 2.80
C ASP C 35 14.65 11.76 4.13
N ALA C 36 15.89 12.21 4.14
CA ALA C 36 16.72 12.17 5.34
C ALA C 36 15.98 12.76 6.54
N ASN C 37 15.36 13.92 6.35
CA ASN C 37 14.61 14.60 7.42
C ASN C 37 13.39 13.80 7.88
N GLY C 38 13.04 12.77 7.12
CA GLY C 38 11.90 11.96 7.47
C GLY C 38 10.61 12.49 6.86
N ASN C 39 10.75 13.41 5.91
CA ASN C 39 9.58 13.98 5.24
C ASN C 39 9.24 13.17 4.00
N LYS C 40 7.96 12.89 3.82
CA LYS C 40 7.49 12.11 2.67
C LYS C 40 7.63 12.83 1.33
N GLN C 41 8.07 12.08 0.32
CA GLN C 41 8.25 12.62 -1.02
C GLN C 41 7.65 11.59 -1.99
N GLN C 42 7.43 12.01 -3.23
CA GLN C 42 6.88 11.11 -4.25
C GLN C 42 7.62 11.28 -5.56
N ILE C 43 7.96 10.15 -6.19
CA ILE C 43 8.65 10.18 -7.48
C ILE C 43 8.03 9.11 -8.38
N ASN C 44 7.89 9.42 -9.65
CA ASN C 44 7.32 8.47 -10.60
C ASN C 44 8.24 7.26 -10.72
N ARG C 45 7.67 6.05 -10.63
CA ARG C 45 8.47 4.84 -10.73
C ARG C 45 9.23 4.80 -12.06
N THR C 46 8.65 5.38 -13.10
CA THR C 46 9.26 5.42 -14.41
C THR C 46 10.63 6.10 -14.37
N ASP C 47 10.81 6.99 -13.39
CA ASP C 47 12.06 7.72 -13.25
C ASP C 47 13.06 6.98 -12.37
N VAL C 48 12.66 5.84 -11.80
CA VAL C 48 13.57 5.06 -10.96
C VAL C 48 14.13 3.87 -11.73
N LYS C 49 15.44 3.86 -11.93
CA LYS C 49 16.10 2.79 -12.66
C LYS C 49 16.42 1.59 -11.77
N GLU C 50 17.02 1.85 -10.62
CA GLU C 50 17.38 0.78 -9.71
C GLU C 50 17.34 1.25 -8.27
N MSE C 51 17.35 0.30 -7.35
CA MSE C 51 17.30 0.61 -5.93
C MSE C 51 18.02 -0.50 -5.16
O MSE C 51 18.01 -1.66 -5.56
CB MSE C 51 15.85 0.70 -5.47
CG MSE C 51 15.65 1.27 -4.09
SE MSE C 51 13.81 1.09 -3.54
CE MSE C 51 12.92 1.89 -5.06
N VAL C 52 18.65 -0.13 -4.05
CA VAL C 52 19.36 -1.10 -3.22
C VAL C 52 19.59 -0.51 -1.85
N ALA C 53 19.69 -1.37 -0.84
CA ALA C 53 19.93 -0.91 0.52
C ALA C 53 21.25 -0.15 0.56
N LEU C 54 21.24 1.02 1.19
CA LEU C 54 22.41 1.88 1.31
C LEU C 54 23.60 1.15 1.90
N GLU C 55 23.32 0.18 2.77
CA GLU C 55 24.35 -0.60 3.44
C GLU C 55 25.20 -1.44 2.48
N ASN C 56 24.69 -1.68 1.29
CA ASN C 56 25.42 -2.49 0.30
C ASN C 56 26.21 -1.71 -0.75
N LEU C 57 25.67 -0.60 -1.23
CA LEU C 57 26.35 0.20 -2.24
C LEU C 57 27.75 0.64 -1.80
N SER D 2 13.14 -20.52 -3.98
CA SER D 2 12.86 -20.54 -5.44
C SER D 2 13.33 -21.87 -6.05
N GLY D 3 14.40 -21.81 -6.84
CA GLY D 3 14.92 -23.01 -7.47
C GLY D 3 15.96 -22.73 -8.53
N PRO D 4 15.61 -22.89 -9.82
CA PRO D 4 16.56 -22.62 -10.90
C PRO D 4 16.92 -21.14 -10.98
N ASN D 5 18.13 -20.85 -11.43
CA ASN D 5 18.57 -19.47 -11.55
C ASN D 5 18.20 -18.93 -12.93
N TYR D 6 18.27 -17.60 -13.08
CA TYR D 6 17.92 -16.96 -14.33
C TYR D 6 18.98 -15.99 -14.85
N VAL D 7 18.83 -15.62 -16.12
CA VAL D 7 19.71 -14.65 -16.76
C VAL D 7 18.82 -13.56 -17.33
N MSE D 8 18.98 -12.34 -16.85
CA MSE D 8 18.17 -11.23 -17.34
C MSE D 8 18.96 -10.40 -18.36
O MSE D 8 20.14 -10.14 -18.16
CB MSE D 8 17.74 -10.31 -16.19
CG MSE D 8 16.91 -10.99 -15.11
SE MSE D 8 16.21 -9.68 -13.85
CE MSE D 8 17.88 -9.18 -13.03
N HIS D 9 18.29 -9.98 -19.42
CA HIS D 9 18.93 -9.15 -20.44
C HIS D 9 18.24 -7.81 -20.37
N THR D 10 19.00 -6.76 -20.04
CA THR D 10 18.44 -5.42 -19.92
C THR D 10 18.44 -4.67 -21.25
N ASN D 11 17.77 -3.54 -21.29
CA ASN D 11 17.71 -2.73 -22.50
C ASN D 11 19.04 -2.02 -22.71
N ASP D 12 19.74 -1.76 -21.62
CA ASP D 12 21.05 -1.09 -21.69
C ASP D 12 22.16 -2.08 -22.00
N GLY D 13 21.84 -3.10 -22.80
CA GLY D 13 22.82 -4.10 -23.19
C GLY D 13 23.60 -4.71 -22.04
N ARG D 14 22.90 -5.34 -21.11
CA ARG D 14 23.54 -5.97 -19.96
C ARG D 14 22.93 -7.36 -19.74
N SER D 15 23.70 -8.24 -19.11
CA SER D 15 23.23 -9.58 -18.81
C SER D 15 23.47 -9.76 -17.31
N ILE D 16 22.41 -10.07 -16.57
CA ILE D 16 22.51 -10.24 -15.13
C ILE D 16 22.02 -11.60 -14.69
N VAL D 17 22.90 -12.35 -14.02
CA VAL D 17 22.54 -13.67 -13.51
C VAL D 17 21.93 -13.49 -12.13
N THR D 18 20.79 -14.14 -11.90
CA THR D 18 20.11 -14.03 -10.63
C THR D 18 20.17 -15.34 -9.86
N ASP D 19 20.08 -15.25 -8.54
CA ASP D 19 20.05 -16.43 -7.69
C ASP D 19 18.58 -16.66 -7.38
N GLY D 20 17.96 -17.60 -8.09
CA GLY D 20 16.56 -17.86 -7.88
C GLY D 20 15.78 -17.04 -8.90
N LYS D 21 14.46 -17.25 -8.96
CA LYS D 21 13.63 -16.52 -9.92
C LYS D 21 13.27 -15.12 -9.40
N PRO D 22 13.46 -14.10 -10.25
CA PRO D 22 13.14 -12.74 -9.82
C PRO D 22 11.63 -12.59 -9.61
N GLN D 23 11.22 -11.51 -8.96
CA GLN D 23 9.80 -11.29 -8.76
C GLN D 23 9.49 -9.83 -8.50
N THR D 24 8.25 -9.45 -8.73
CA THR D 24 7.84 -8.09 -8.51
C THR D 24 7.84 -7.81 -7.02
N ASP D 25 8.54 -6.75 -6.61
CA ASP D 25 8.61 -6.38 -5.21
C ASP D 25 7.21 -5.94 -4.74
N ASN D 26 6.76 -6.50 -3.62
CA ASN D 26 5.44 -6.18 -3.10
C ASN D 26 5.22 -4.73 -2.70
N ASP D 27 6.29 -4.03 -2.31
CA ASP D 27 6.18 -2.64 -1.88
C ASP D 27 6.37 -1.58 -2.96
N THR D 28 7.32 -1.81 -3.87
CA THR D 28 7.65 -0.85 -4.90
C THR D 28 7.18 -1.10 -6.32
N GLY D 29 6.87 -2.33 -6.67
CA GLY D 29 6.44 -2.61 -8.03
C GLY D 29 7.63 -2.81 -8.94
N MSE D 30 8.84 -2.70 -8.38
CA MSE D 30 10.08 -2.89 -9.14
C MSE D 30 10.31 -4.40 -9.21
O MSE D 30 9.62 -5.18 -8.55
CB MSE D 30 11.25 -2.26 -8.40
CG MSE D 30 11.17 -0.76 -8.17
SE MSE D 30 11.77 0.24 -9.70
CE MSE D 30 13.69 0.15 -9.40
N ILE D 31 11.28 -4.80 -10.02
CA ILE D 31 11.64 -6.21 -10.11
C ILE D 31 12.72 -6.43 -9.06
N SER D 32 12.48 -7.33 -8.12
CA SER D 32 13.49 -7.59 -7.09
C SER D 32 14.17 -8.92 -7.39
N TYR D 33 15.47 -8.99 -7.12
CA TYR D 33 16.22 -10.22 -7.36
C TYR D 33 17.47 -10.25 -6.51
N LYS D 34 18.04 -11.44 -6.36
CA LYS D 34 19.25 -11.61 -5.58
C LYS D 34 20.35 -11.86 -6.61
N ASP D 35 21.44 -11.12 -6.51
CA ASP D 35 22.53 -11.28 -7.46
C ASP D 35 23.34 -12.53 -7.10
N ALA D 36 24.22 -12.95 -8.01
CA ALA D 36 25.04 -14.13 -7.79
C ALA D 36 25.87 -14.01 -6.52
N ASN D 37 26.04 -12.79 -6.04
CA ASN D 37 26.82 -12.57 -4.83
C ASN D 37 25.95 -12.58 -3.58
N GLY D 38 24.66 -12.90 -3.75
CA GLY D 38 23.75 -12.99 -2.63
C GLY D 38 22.96 -11.76 -2.16
N ASN D 39 23.30 -10.57 -2.63
CA ASN D 39 22.59 -9.36 -2.21
C ASN D 39 21.33 -9.05 -2.99
N LYS D 40 20.30 -8.58 -2.28
CA LYS D 40 19.02 -8.23 -2.90
C LYS D 40 19.12 -6.91 -3.65
N GLN D 41 18.56 -6.89 -4.85
CA GLN D 41 18.58 -5.69 -5.70
C GLN D 41 17.21 -5.50 -6.32
N GLN D 42 16.97 -4.30 -6.83
CA GLN D 42 15.71 -3.98 -7.50
C GLN D 42 16.01 -3.21 -8.78
N ILE D 43 15.34 -3.60 -9.86
CA ILE D 43 15.51 -2.95 -11.14
C ILE D 43 14.12 -2.75 -11.74
N ASN D 44 13.96 -1.69 -12.51
CA ASN D 44 12.67 -1.40 -13.13
C ASN D 44 12.37 -2.42 -14.22
N ARG D 45 11.15 -2.96 -14.22
CA ARG D 45 10.75 -3.95 -15.23
C ARG D 45 10.95 -3.37 -16.63
N THR D 46 10.69 -2.06 -16.75
CA THR D 46 10.83 -1.37 -18.03
C THR D 46 12.24 -1.55 -18.61
N ASP D 47 13.22 -1.76 -17.74
CA ASP D 47 14.61 -1.91 -18.17
C ASP D 47 14.97 -3.37 -18.45
N VAL D 48 14.03 -4.27 -18.23
CA VAL D 48 14.27 -5.69 -18.47
C VAL D 48 13.60 -6.12 -19.78
N LYS D 49 14.41 -6.49 -20.76
CA LYS D 49 13.90 -6.89 -22.07
C LYS D 49 13.44 -8.35 -22.09
N GLU D 50 14.26 -9.23 -21.56
CA GLU D 50 13.94 -10.65 -21.56
C GLU D 50 14.63 -11.38 -20.42
N MSE D 51 14.25 -12.64 -20.21
CA MSE D 51 14.81 -13.43 -19.14
C MSE D 51 14.73 -14.90 -19.53
O MSE D 51 13.80 -15.32 -20.20
CB MSE D 51 13.99 -13.18 -17.88
CG MSE D 51 14.66 -13.46 -16.58
SE MSE D 51 13.40 -13.13 -15.16
CE MSE D 51 13.15 -11.24 -15.37
N VAL D 52 15.72 -15.68 -19.11
CA VAL D 52 15.72 -17.11 -19.45
C VAL D 52 16.15 -17.95 -18.25
N ALA D 53 15.46 -19.06 -18.05
CA ALA D 53 15.78 -19.95 -16.94
C ALA D 53 16.97 -20.82 -17.29
N LEU D 54 17.86 -21.00 -16.32
CA LEU D 54 19.05 -21.82 -16.51
C LEU D 54 18.73 -23.19 -15.93
N GLU D 55 18.33 -24.12 -16.80
CA GLU D 55 17.95 -25.46 -16.38
C GLU D 55 18.41 -26.51 -17.39
N ASN D 56 17.74 -27.66 -17.39
CA ASN D 56 18.08 -28.75 -18.31
C ASN D 56 17.97 -28.29 -19.76
N PRO E 4 -2.31 24.48 -2.13
CA PRO E 4 -1.93 24.88 -0.76
C PRO E 4 -1.45 23.70 0.08
N ASN E 5 -1.40 22.51 -0.54
CA ASN E 5 -0.96 21.32 0.16
C ASN E 5 0.09 20.52 -0.59
N TYR E 6 -0.01 20.48 -1.92
CA TYR E 6 0.95 19.73 -2.74
C TYR E 6 1.35 20.45 -4.01
N VAL E 7 2.57 20.19 -4.47
CA VAL E 7 3.06 20.77 -5.72
C VAL E 7 3.57 19.64 -6.60
N MSE E 8 3.06 19.59 -7.83
CA MSE E 8 3.45 18.55 -8.78
C MSE E 8 4.44 19.09 -9.81
O MSE E 8 4.23 20.16 -10.37
CB MSE E 8 2.23 17.97 -9.49
CG MSE E 8 1.18 17.36 -8.59
SE MSE E 8 -0.30 16.60 -9.62
CE MSE E 8 -1.04 18.26 -10.29
N HIS E 9 5.50 18.34 -10.06
CA HIS E 9 6.50 18.73 -11.05
C HIS E 9 6.33 17.82 -12.25
N THR E 10 5.86 18.39 -13.36
CA THR E 10 5.62 17.60 -14.57
C THR E 10 6.87 17.40 -15.40
N ASN E 11 6.75 16.61 -16.45
CA ASN E 11 7.88 16.35 -17.33
C ASN E 11 7.95 17.40 -18.43
N ASP E 12 6.94 18.26 -18.51
CA ASP E 12 6.91 19.31 -19.52
C ASP E 12 7.20 20.70 -18.94
N GLY E 13 8.08 20.75 -17.95
CA GLY E 13 8.47 22.02 -17.34
C GLY E 13 7.40 22.82 -16.62
N ARG E 14 6.66 22.19 -15.71
CA ARG E 14 5.64 22.90 -14.96
C ARG E 14 5.61 22.50 -13.49
N SER E 15 5.05 23.38 -12.67
CA SER E 15 4.90 23.16 -11.23
C SER E 15 3.45 23.52 -10.93
N ILE E 16 2.65 22.50 -10.65
CA ILE E 16 1.23 22.70 -10.37
C ILE E 16 0.89 22.52 -8.90
N VAL E 17 0.35 23.56 -8.28
CA VAL E 17 -0.05 23.52 -6.88
C VAL E 17 -1.44 22.93 -6.78
N THR E 18 -1.63 22.00 -5.86
CA THR E 18 -2.92 21.34 -5.69
C THR E 18 -3.57 21.65 -4.35
N ASP E 19 -4.89 21.57 -4.32
CA ASP E 19 -5.66 21.80 -3.11
C ASP E 19 -6.00 20.42 -2.57
N GLY E 20 -5.18 19.95 -1.62
CA GLY E 20 -5.40 18.64 -1.07
C GLY E 20 -4.48 17.67 -1.79
N LYS E 21 -4.45 16.41 -1.37
CA LYS E 21 -3.59 15.43 -2.00
C LYS E 21 -4.21 14.84 -3.26
N PRO E 22 -3.47 14.83 -4.37
CA PRO E 22 -4.00 14.28 -5.62
C PRO E 22 -4.24 12.77 -5.45
N GLN E 23 -5.04 12.19 -6.33
CA GLN E 23 -5.29 10.76 -6.25
C GLN E 23 -5.68 10.19 -7.61
N THR E 24 -5.42 8.91 -7.80
CA THR E 24 -5.76 8.27 -9.05
C THR E 24 -7.27 8.30 -9.17
N ASP E 25 -7.76 8.82 -10.29
CA ASP E 25 -9.21 8.91 -10.52
C ASP E 25 -9.83 7.52 -10.67
N ASN E 26 -10.90 7.26 -9.93
CA ASN E 26 -11.55 5.96 -9.97
C ASN E 26 -12.15 5.60 -11.33
N ASP E 27 -12.51 6.61 -12.13
CA ASP E 27 -13.11 6.36 -13.43
C ASP E 27 -12.15 6.27 -14.62
N THR E 28 -11.18 7.17 -14.67
CA THR E 28 -10.23 7.23 -15.78
C THR E 28 -8.83 6.67 -15.59
N GLY E 29 -8.37 6.57 -14.35
CA GLY E 29 -7.02 6.09 -14.12
C GLY E 29 -5.99 7.21 -14.20
N MSE E 30 -6.47 8.42 -14.45
CA MSE E 30 -5.59 9.59 -14.52
C MSE E 30 -5.39 10.07 -13.09
O MSE E 30 -6.01 9.56 -12.17
CB MSE E 30 -6.26 10.73 -15.31
CG MSE E 30 -6.69 10.41 -16.73
SE MSE E 30 -5.32 10.76 -18.04
CE MSE E 30 -5.34 12.71 -18.00
N ILE E 31 -4.51 11.06 -12.91
CA ILE E 31 -4.30 11.63 -11.58
C ILE E 31 -5.30 12.77 -11.45
N SER E 32 -6.20 12.69 -10.49
CA SER E 32 -7.20 13.75 -10.29
C SER E 32 -6.79 14.68 -9.16
N TYR E 33 -7.05 15.97 -9.35
CA TYR E 33 -6.71 16.96 -8.34
C TYR E 33 -7.51 18.24 -8.53
N LYS E 34 -7.46 19.11 -7.53
CA LYS E 34 -8.15 20.39 -7.59
C LYS E 34 -7.08 21.48 -7.60
N ASP E 35 -7.17 22.41 -8.52
CA ASP E 35 -6.19 23.49 -8.60
C ASP E 35 -6.42 24.52 -7.50
N ALA E 36 -5.54 25.51 -7.45
CA ALA E 36 -5.61 26.58 -6.45
C ALA E 36 -6.93 27.33 -6.48
N ASN E 37 -7.66 27.22 -7.59
CA ASN E 37 -8.94 27.91 -7.72
C ASN E 37 -10.06 27.04 -7.14
N GLY E 38 -10.09 25.78 -7.57
CA GLY E 38 -11.11 24.87 -7.10
C GLY E 38 -11.67 24.01 -8.22
N ASN E 39 -11.16 24.21 -9.43
CA ASN E 39 -11.61 23.44 -10.59
C ASN E 39 -11.13 22.01 -10.49
N LYS E 40 -11.94 21.08 -10.99
CA LYS E 40 -11.57 19.66 -10.97
C LYS E 40 -10.69 19.41 -12.19
N GLN E 41 -9.48 18.93 -11.95
CA GLN E 41 -8.52 18.67 -13.02
C GLN E 41 -8.04 17.22 -13.03
N GLN E 42 -7.43 16.82 -14.15
CA GLN E 42 -6.88 15.49 -14.30
C GLN E 42 -5.65 15.58 -15.18
N ILE E 43 -4.60 14.86 -14.80
CA ILE E 43 -3.35 14.84 -15.56
C ILE E 43 -2.83 13.42 -15.60
N ASN E 44 -2.32 12.99 -16.75
CA ASN E 44 -1.79 11.64 -16.91
C ASN E 44 -0.59 11.46 -15.97
N ARG E 45 -0.58 10.36 -15.21
CA ARG E 45 0.52 10.11 -14.29
C ARG E 45 1.87 10.13 -15.00
N THR E 46 1.89 9.68 -16.25
CA THR E 46 3.12 9.65 -17.03
C THR E 46 3.77 11.03 -17.12
N ASP E 47 2.96 12.07 -17.02
CA ASP E 47 3.45 13.44 -17.12
C ASP E 47 3.84 14.06 -15.77
N VAL E 48 3.71 13.29 -14.70
CA VAL E 48 4.07 13.79 -13.38
C VAL E 48 5.37 13.13 -12.92
N LYS E 49 6.42 13.93 -12.75
CA LYS E 49 7.71 13.39 -12.35
C LYS E 49 7.85 13.23 -10.84
N GLU E 50 7.47 14.26 -10.11
CA GLU E 50 7.57 14.24 -8.66
C GLU E 50 6.40 14.99 -8.01
N MSE E 51 6.29 14.85 -6.69
CA MSE E 51 5.22 15.50 -5.96
C MSE E 51 5.65 15.60 -4.49
O MSE E 51 6.37 14.76 -3.99
CB MSE E 51 3.95 14.67 -6.07
CG MSE E 51 2.70 15.36 -5.61
SE MSE E 51 1.18 14.17 -5.79
CE MSE E 51 1.25 13.84 -7.69
N VAL E 52 5.18 16.65 -3.82
CA VAL E 52 5.53 16.85 -2.41
C VAL E 52 4.59 17.81 -1.70
N ALA E 53 4.36 17.56 -0.42
CA ALA E 53 3.49 18.40 0.39
C ALA E 53 4.21 19.70 0.74
N LEU E 54 3.44 20.76 0.94
CA LEU E 54 3.98 22.06 1.29
C LEU E 54 3.55 22.49 2.68
N GLU E 55 4.07 23.63 3.15
CA GLU E 55 3.73 24.15 4.47
C GLU E 55 2.72 25.27 4.28
N ASN E 56 2.75 26.27 5.15
CA ASN E 56 1.83 27.40 5.04
C ASN E 56 2.43 28.53 4.21
N GLY F 3 0.61 9.08 12.95
CA GLY F 3 0.11 10.41 13.41
C GLY F 3 -1.22 10.30 14.14
N PRO F 4 -2.33 10.70 13.50
CA PRO F 4 -3.64 10.64 14.12
C PRO F 4 -4.02 9.21 14.50
N ASN F 5 -4.71 9.06 15.62
CA ASN F 5 -5.10 7.75 16.10
C ASN F 5 -6.47 7.36 15.56
N TYR F 6 -6.68 6.05 15.38
CA TYR F 6 -7.94 5.50 14.91
C TYR F 6 -8.37 4.37 15.81
N VAL F 7 -9.67 4.12 15.84
CA VAL F 7 -10.20 3.02 16.63
C VAL F 7 -10.90 2.07 15.66
N MSE F 8 -10.51 0.81 15.70
CA MSE F 8 -11.12 -0.21 14.85
C MSE F 8 -12.06 -1.05 15.70
O MSE F 8 -11.67 -1.57 16.75
CB MSE F 8 -10.05 -1.12 14.25
CG MSE F 8 -9.02 -0.44 13.37
SE MSE F 8 -7.78 -1.72 12.57
CE MSE F 8 -6.90 -2.34 14.19
N HIS F 9 -13.30 -1.19 15.26
CA HIS F 9 -14.27 -2.01 15.97
C HIS F 9 -14.37 -3.32 15.20
N THR F 10 -13.96 -4.41 15.85
CA THR F 10 -13.94 -5.73 15.21
C THR F 10 -15.24 -6.51 15.31
N ASN F 11 -15.30 -7.62 14.61
CA ASN F 11 -16.47 -8.49 14.62
C ASN F 11 -16.33 -9.52 15.74
N ASP F 12 -15.37 -9.32 16.63
CA ASP F 12 -15.19 -10.23 17.75
C ASP F 12 -15.15 -9.49 19.08
N GLY F 13 -15.92 -8.41 19.16
CA GLY F 13 -16.02 -7.63 20.38
C GLY F 13 -14.83 -6.84 20.86
N ARG F 14 -13.95 -6.43 19.95
CA ARG F 14 -12.79 -5.65 20.38
C ARG F 14 -12.81 -4.23 19.82
N SER F 15 -12.15 -3.32 20.55
CA SER F 15 -12.01 -1.92 20.14
C SER F 15 -10.51 -1.65 20.20
N ILE F 16 -9.86 -1.70 19.04
CA ILE F 16 -8.42 -1.50 18.95
C ILE F 16 -8.01 -0.10 18.50
N VAL F 17 -7.19 0.57 19.31
CA VAL F 17 -6.72 1.92 19.00
C VAL F 17 -5.36 1.81 18.30
N THR F 18 -5.24 2.48 17.17
CA THR F 18 -4.01 2.43 16.38
C THR F 18 -3.26 3.75 16.35
N ASP F 19 -1.96 3.66 16.07
CA ASP F 19 -1.13 4.85 15.97
C ASP F 19 -0.88 5.08 14.49
N GLY F 20 -1.63 6.01 13.92
CA GLY F 20 -1.51 6.27 12.50
C GLY F 20 -2.66 5.53 11.85
N LYS F 21 -2.94 5.84 10.59
CA LYS F 21 -4.02 5.19 9.88
C LYS F 21 -3.60 3.81 9.40
N PRO F 22 -4.43 2.79 9.69
CA PRO F 22 -4.12 1.42 9.24
C PRO F 22 -4.11 1.36 7.72
N GLN F 23 -3.50 0.32 7.17
CA GLN F 23 -3.48 0.19 5.72
C GLN F 23 -3.33 -1.27 5.33
N THR F 24 -3.81 -1.62 4.15
CA THR F 24 -3.69 -3.00 3.69
C THR F 24 -2.20 -3.30 3.58
N ASP F 25 -1.80 -4.43 4.15
CA ASP F 25 -0.40 -4.85 4.13
C ASP F 25 -0.01 -5.27 2.71
N ASN F 26 1.10 -4.76 2.20
CA ASN F 26 1.54 -5.09 0.84
C ASN F 26 1.93 -6.56 0.65
N ASP F 27 2.29 -7.24 1.73
CA ASP F 27 2.71 -8.64 1.65
C ASP F 27 1.62 -9.70 1.83
N THR F 28 0.73 -9.47 2.80
CA THR F 28 -0.32 -10.42 3.15
C THR F 28 -1.76 -10.12 2.76
N GLY F 29 -2.07 -8.87 2.49
CA GLY F 29 -3.45 -8.53 2.15
C GLY F 29 -4.30 -8.36 3.40
N MSE F 30 -3.67 -8.47 4.57
CA MSE F 30 -4.35 -8.28 5.85
C MSE F 30 -4.28 -6.78 6.10
O MSE F 30 -3.62 -6.07 5.34
CB MSE F 30 -3.57 -8.98 6.97
CG MSE F 30 -3.34 -10.46 6.78
SE MSE F 30 -4.84 -11.51 7.38
CE MSE F 30 -4.51 -11.34 9.30
N ILE F 31 -4.94 -6.27 7.12
CA ILE F 31 -4.80 -4.85 7.39
C ILE F 31 -3.71 -4.71 8.45
N SER F 32 -2.73 -3.87 8.13
CA SER F 32 -1.61 -3.62 9.02
C SER F 32 -1.87 -2.38 9.86
N TYR F 33 -1.45 -2.41 11.11
CA TYR F 33 -1.63 -1.27 12.00
C TYR F 33 -0.56 -1.27 13.08
N LYS F 34 -0.24 -0.10 13.61
CA LYS F 34 0.77 -0.01 14.65
C LYS F 34 0.08 0.18 16.00
N ASP F 35 0.50 -0.61 16.99
CA ASP F 35 -0.08 -0.49 18.32
C ASP F 35 0.62 0.65 19.06
N ALA F 36 0.24 0.86 20.32
CA ALA F 36 0.81 1.95 21.11
C ALA F 36 2.32 1.85 21.35
N ASN F 37 2.87 0.64 21.20
CA ASN F 37 4.30 0.43 21.41
C ASN F 37 5.07 0.55 20.09
N GLY F 38 4.35 0.94 19.04
CA GLY F 38 4.98 1.12 17.74
C GLY F 38 5.21 -0.14 16.92
N ASN F 39 4.65 -1.27 17.36
CA ASN F 39 4.84 -2.52 16.63
C ASN F 39 3.71 -2.76 15.62
N LYS F 40 4.08 -3.17 14.42
CA LYS F 40 3.11 -3.43 13.35
C LYS F 40 2.42 -4.78 13.56
N GLN F 41 1.09 -4.75 13.65
CA GLN F 41 0.30 -5.96 13.85
C GLN F 41 -0.56 -6.13 12.60
N GLN F 42 -1.17 -7.31 12.46
CA GLN F 42 -2.03 -7.54 11.31
C GLN F 42 -3.34 -8.20 11.72
N ILE F 43 -4.43 -7.73 11.12
CA ILE F 43 -5.76 -8.25 11.40
C ILE F 43 -6.51 -8.38 10.07
N ASN F 44 -7.28 -9.45 9.93
CA ASN F 44 -8.03 -9.69 8.70
C ASN F 44 -9.11 -8.63 8.54
N ARG F 45 -9.21 -8.04 7.34
CA ARG F 45 -10.22 -7.02 7.09
C ARG F 45 -11.62 -7.54 7.42
N THR F 46 -11.83 -8.83 7.17
CA THR F 46 -13.13 -9.45 7.44
C THR F 46 -13.52 -9.29 8.92
N ASP F 47 -12.53 -9.16 9.79
CA ASP F 47 -12.80 -9.00 11.22
C ASP F 47 -12.89 -7.55 11.67
N VAL F 48 -12.85 -6.61 10.72
CA VAL F 48 -12.97 -5.20 11.07
C VAL F 48 -14.30 -4.66 10.53
N LYS F 49 -15.22 -4.37 11.44
CA LYS F 49 -16.53 -3.85 11.08
C LYS F 49 -16.50 -2.37 10.68
N GLU F 50 -15.84 -1.57 11.51
CA GLU F 50 -15.75 -0.15 11.23
C GLU F 50 -14.50 0.46 11.83
N MSE F 51 -14.19 1.67 11.37
CA MSE F 51 -13.01 2.38 11.84
C MSE F 51 -13.31 3.87 11.81
O MSE F 51 -14.08 4.34 10.98
CB MSE F 51 -11.85 2.07 10.90
CG MSE F 51 -10.48 2.38 11.44
SE MSE F 51 -9.19 2.05 10.05
CE MSE F 51 -9.67 0.26 9.57
N VAL F 52 -12.69 4.61 12.72
CA VAL F 52 -12.90 6.05 12.76
C VAL F 52 -11.75 6.72 13.51
N ALA F 53 -11.45 7.96 13.15
CA ALA F 53 -10.37 8.70 13.81
C ALA F 53 -10.81 9.11 15.21
N LEU F 54 -9.84 9.16 16.13
CA LEU F 54 -10.13 9.55 17.51
C LEU F 54 -10.01 11.05 17.72
N GLU F 55 -9.78 11.44 18.98
CA GLU F 55 -9.65 12.84 19.35
C GLU F 55 -8.29 13.40 18.92
#